data_3ROA
#
_entry.id   3ROA
#
_cell.length_a   42.710
_cell.length_b   42.710
_cell.length_c   229.470
_cell.angle_alpha   90.000
_cell.angle_beta   90.000
_cell.angle_gamma   90.000
#
_symmetry.space_group_name_H-M   'P 41'
#
loop_
_entity.id
_entity.type
_entity.pdbx_description
1 polymer 'Strain CBS138 chromosome J complete sequence'
2 non-polymer 'NADPH DIHYDRO-NICOTINAMIDE-ADENINE-DINUCLEOTIDE PHOSPHATE'
3 non-polymer 6-ethyl-5-{(3R)-3-[3-methoxy-5-(morpholin-4-yl)phenyl]but-1-yn-1-yl}pyrimidine-2,4-diamine
4 non-polymer 'CHLORIDE ION'
5 water water
#
_entity_poly.entity_id   1
_entity_poly.type   'polypeptide(L)'
_entity_poly.pdbx_seq_one_letter_code
;KVPVVGIVAALLPEMGIGFQGNLPWRLAKEMKYFREVTTLTNDNSKQNVVIMGRKTWESIPQKFRPLPKRINVVVSRSFD
GELRKVEDGIYHSNSLRNCLTALQSSLANENKIERIYIIGGGEIYRQSMDLADHWLITKIMPLPETTIPQMDTFLQKQEL
EQRFYDNSDKLVDFLPSSIQLEGRLTSQEWNGELVKGLPVQEKGYQFYFTLYTKKLEHHHHHHHH
;
_entity_poly.pdbx_strand_id   A,B
#
# COMPACT_ATOMS: atom_id res chain seq x y z
N LYS A 1 16.17 0.61 -6.82
CA LYS A 1 17.59 0.14 -6.74
C LYS A 1 18.29 0.66 -5.48
N VAL A 2 17.84 1.80 -4.97
CA VAL A 2 18.31 2.29 -3.69
C VAL A 2 17.41 1.69 -2.60
N PRO A 3 18.01 1.10 -1.54
CA PRO A 3 17.16 0.45 -0.53
C PRO A 3 16.28 1.47 0.19
N VAL A 4 15.02 1.09 0.41
CA VAL A 4 14.06 1.88 1.17
C VAL A 4 13.91 1.27 2.57
N VAL A 5 14.22 2.05 3.59
CA VAL A 5 14.33 1.54 4.94
C VAL A 5 13.44 2.37 5.86
N GLY A 6 12.44 1.71 6.45
CA GLY A 6 11.66 2.33 7.50
C GLY A 6 12.51 2.35 8.76
N ILE A 7 12.51 3.47 9.46
CA ILE A 7 13.23 3.56 10.72
C ILE A 7 12.34 4.19 11.78
N VAL A 8 12.27 3.53 12.95
CA VAL A 8 11.26 3.85 13.96
C VAL A 8 11.73 3.36 15.33
N ALA A 9 11.32 4.09 16.37
CA ALA A 9 11.46 3.64 17.75
C ALA A 9 10.06 3.32 18.30
N ALA A 10 9.85 2.10 18.76
CA ALA A 10 8.51 1.65 19.18
C ALA A 10 8.53 0.96 20.54
N LEU A 11 7.54 1.29 21.40
CA LEU A 11 7.47 0.69 22.73
C LEU A 11 6.68 -0.61 22.76
N LEU A 12 7.32 -1.68 23.20
CA LEU A 12 6.69 -3.00 23.28
C LEU A 12 5.70 -3.02 24.44
N PRO A 13 4.63 -3.85 24.35
CA PRO A 13 4.31 -4.81 23.28
C PRO A 13 3.43 -4.29 22.16
N GLU A 14 2.82 -3.12 22.33
CA GLU A 14 1.85 -2.58 21.35
C GLU A 14 2.50 -1.78 20.20
N MET A 15 3.81 -1.57 20.30
CA MET A 15 4.60 -0.78 19.33
C MET A 15 4.08 0.65 19.17
N GLY A 16 3.85 1.30 20.30
CA GLY A 16 3.47 2.70 20.34
C GLY A 16 4.68 3.56 20.01
N ILE A 17 4.44 4.64 19.25
CA ILE A 17 5.51 5.48 18.74
C ILE A 17 5.30 6.98 19.02
N GLY A 18 4.11 7.33 19.46
CA GLY A 18 3.76 8.73 19.62
C GLY A 18 2.57 9.01 20.52
N PHE A 19 2.48 10.26 20.95
CA PHE A 19 1.35 10.73 21.75
C PHE A 19 1.24 12.23 21.57
N GLN A 20 0.05 12.69 21.19
CA GLN A 20 -0.26 14.13 21.10
C GLN A 20 0.72 14.93 20.23
N GLY A 21 1.07 14.34 19.08
CA GLY A 21 1.95 14.99 18.11
C GLY A 21 3.43 14.93 18.44
N ASN A 22 3.78 14.28 19.56
CA ASN A 22 5.18 14.15 19.95
C ASN A 22 5.54 12.72 20.37
N LEU A 23 6.83 12.50 20.57
CA LEU A 23 7.35 11.24 21.08
C LEU A 23 6.95 11.09 22.55
N PRO A 24 6.69 9.84 22.99
CA PRO A 24 6.36 9.52 24.40
C PRO A 24 7.56 9.38 25.34
N TRP A 25 8.77 9.54 24.80
CA TRP A 25 10.00 9.44 25.60
C TRP A 25 11.04 10.40 25.01
N ARG A 26 12.15 10.59 25.74
CA ARG A 26 13.28 11.35 25.24
C ARG A 26 14.53 10.56 25.54
N LEU A 27 15.06 9.88 24.53
CA LEU A 27 16.22 9.03 24.74
C LEU A 27 17.38 9.47 23.84
N ALA A 28 18.36 10.12 24.48
CA ALA A 28 19.49 10.72 23.78
C ALA A 28 20.31 9.70 22.98
N LYS A 29 20.45 8.49 23.53
CA LYS A 29 21.15 7.41 22.86
C LYS A 29 20.35 6.84 21.68
N GLU A 30 19.03 6.92 21.78
CA GLU A 30 18.17 6.50 20.69
C GLU A 30 18.26 7.50 19.54
N MET A 31 18.16 8.79 19.88
CA MET A 31 18.35 9.92 18.95
C MET A 31 19.71 9.89 18.26
N LYS A 32 20.76 9.54 19.00
CA LYS A 32 22.12 9.45 18.46
C LYS A 32 22.18 8.39 17.37
N TYR A 33 21.65 7.21 17.68
CA TYR A 33 21.54 6.11 16.71
C TYR A 33 20.80 6.55 15.46
N PHE A 34 19.62 7.15 15.65
CA PHE A 34 18.81 7.63 14.53
C PHE A 34 19.59 8.60 13.65
N ARG A 35 20.22 9.59 14.29
CA ARG A 35 20.99 10.62 13.61
C ARG A 35 22.12 9.98 12.81
N GLU A 36 22.91 9.13 13.46
CA GLU A 36 24.05 8.49 12.81
C GLU A 36 23.67 7.54 11.67
N VAL A 37 22.64 6.71 11.88
CA VAL A 37 22.20 5.76 10.85
C VAL A 37 21.72 6.51 9.62
N THR A 38 20.84 7.49 9.81
CA THR A 38 20.25 8.24 8.69
C THR A 38 21.24 9.22 8.03
N THR A 39 22.20 9.74 8.80
CA THR A 39 23.22 10.64 8.27
C THR A 39 24.34 9.91 7.56
N LEU A 40 24.93 8.91 8.22
CA LEU A 40 26.12 8.27 7.70
C LEU A 40 25.88 7.38 6.49
N THR A 41 26.90 7.34 5.63
CA THR A 41 26.89 6.51 4.43
C THR A 41 28.25 5.80 4.31
N ASN A 42 28.26 4.68 3.60
CA ASN A 42 29.51 3.97 3.27
C ASN A 42 30.28 4.68 2.17
N ASP A 43 29.55 5.30 1.24
CA ASP A 43 30.16 6.08 0.18
C ASP A 43 30.10 7.56 0.53
N ASN A 44 31.28 8.15 0.71
CA ASN A 44 31.46 9.51 1.22
C ASN A 44 30.89 10.62 0.34
N SER A 45 30.56 10.27 -0.90
CA SER A 45 30.06 11.22 -1.90
C SER A 45 28.54 11.20 -1.99
N LYS A 46 27.91 10.24 -1.32
CA LYS A 46 26.46 10.12 -1.32
C LYS A 46 25.86 10.68 -0.03
N GLN A 47 24.57 11.00 -0.07
CA GLN A 47 23.80 11.30 1.13
C GLN A 47 22.62 10.35 1.19
N ASN A 48 21.96 10.30 2.34
CA ASN A 48 20.71 9.57 2.45
C ASN A 48 19.54 10.55 2.34
N VAL A 49 18.37 10.01 1.99
CA VAL A 49 17.13 10.78 2.03
C VAL A 49 16.39 10.45 3.33
N VAL A 50 15.72 11.45 3.90
CA VAL A 50 14.73 11.21 4.94
C VAL A 50 13.37 11.71 4.48
N ILE A 51 12.42 10.79 4.37
CA ILE A 51 11.03 11.13 4.03
C ILE A 51 10.14 11.07 5.27
N MET A 52 9.26 12.06 5.41
CA MET A 52 8.41 12.14 6.59
C MET A 52 7.05 12.77 6.30
N GLY A 53 6.06 12.38 7.10
CA GLY A 53 4.77 13.04 7.08
C GLY A 53 4.87 14.50 7.53
N ARG A 54 3.90 15.29 7.08
CA ARG A 54 3.84 16.72 7.38
C ARG A 54 3.77 16.99 8.90
N LYS A 55 2.99 16.17 9.60
CA LYS A 55 2.81 16.33 11.03
C LYS A 55 4.10 16.01 11.78
N THR A 56 4.89 15.08 11.23
CA THR A 56 6.18 14.74 11.83
C THR A 56 7.19 15.87 11.61
N TRP A 57 7.16 16.48 10.43
CA TRP A 57 7.97 17.64 10.12
C TRP A 57 7.70 18.76 11.12
N GLU A 58 6.41 18.99 11.39
CA GLU A 58 5.99 20.07 12.27
C GLU A 58 6.36 19.80 13.71
N SER A 59 6.60 18.53 14.04
CA SER A 59 6.98 18.13 15.39
C SER A 59 8.47 18.35 15.68
N ILE A 60 9.32 18.30 14.66
CA ILE A 60 10.74 18.53 14.83
C ILE A 60 11.02 19.99 15.22
N PRO A 61 11.77 20.22 16.31
CA PRO A 61 12.15 21.59 16.69
C PRO A 61 12.70 22.37 15.52
N GLN A 62 12.25 23.62 15.38
CA GLN A 62 12.60 24.47 14.24
C GLN A 62 14.09 24.68 14.02
N LYS A 63 14.87 24.59 15.10
CA LYS A 63 16.32 24.72 15.01
C LYS A 63 17.00 23.50 14.39
N PHE A 64 16.35 22.34 14.50
CA PHE A 64 16.94 21.07 14.05
C PHE A 64 16.39 20.59 12.70
N ARG A 65 15.54 21.39 12.08
CA ARG A 65 14.94 21.06 10.79
C ARG A 65 15.31 22.12 9.74
N PRO A 66 15.65 21.68 8.51
CA PRO A 66 15.71 20.28 8.04
C PRO A 66 16.87 19.55 8.70
N LEU A 67 16.73 18.23 8.82
CA LEU A 67 17.78 17.41 9.43
C LEU A 67 19.05 17.57 8.59
N PRO A 68 20.15 18.05 9.21
CA PRO A 68 21.40 18.30 8.50
C PRO A 68 21.97 17.07 7.81
N LYS A 69 22.60 17.31 6.66
CA LYS A 69 23.39 16.32 5.93
C LYS A 69 22.55 15.16 5.38
N ARG A 70 21.24 15.35 5.37
CA ARG A 70 20.31 14.44 4.73
C ARG A 70 19.38 15.24 3.82
N ILE A 71 18.99 14.65 2.70
CA ILE A 71 17.93 15.24 1.89
C ILE A 71 16.61 15.00 2.62
N ASN A 72 15.90 16.08 2.90
CA ASN A 72 14.60 16.03 3.59
C ASN A 72 13.47 16.14 2.60
N VAL A 73 12.53 15.22 2.71
CA VAL A 73 11.29 15.25 1.93
C VAL A 73 10.12 15.22 2.90
N VAL A 74 9.25 16.21 2.76
CA VAL A 74 8.04 16.28 3.56
C VAL A 74 6.88 16.00 2.63
N VAL A 75 6.00 15.09 3.04
CA VAL A 75 4.84 14.77 2.22
C VAL A 75 3.56 15.32 2.79
N SER A 76 2.77 15.94 1.92
CA SER A 76 1.49 16.53 2.29
C SER A 76 0.55 16.46 1.09
N ARG A 77 -0.72 16.13 1.33
CA ARG A 77 -1.72 16.06 0.26
C ARG A 77 -1.93 17.41 -0.42
N SER A 78 -1.63 18.49 0.32
CA SER A 78 -1.81 19.87 -0.12
C SER A 78 -0.61 20.45 -0.88
N PHE A 79 0.48 19.68 -0.96
CA PHE A 79 1.64 20.13 -1.71
C PHE A 79 1.37 19.98 -3.20
N ASP A 80 2.32 20.47 -3.99
CA ASP A 80 2.12 20.81 -5.40
C ASP A 80 2.29 19.64 -6.38
N GLY A 81 3.36 18.85 -6.19
CA GLY A 81 3.69 17.78 -7.13
C GLY A 81 4.47 16.66 -6.47
N GLU A 82 5.11 15.83 -7.29
CA GLU A 82 5.71 14.59 -6.80
C GLU A 82 7.03 14.78 -6.06
N LEU A 83 7.76 15.85 -6.37
CA LEU A 83 9.08 16.08 -5.76
C LEU A 83 9.62 17.44 -6.17
N ARG A 84 9.40 18.43 -5.30
CA ARG A 84 9.72 19.80 -5.61
C ARG A 84 10.64 20.38 -4.56
N LYS A 85 11.75 20.97 -5.00
CA LYS A 85 12.59 21.74 -4.10
C LYS A 85 11.86 23.01 -3.68
N VAL A 86 11.68 23.20 -2.39
CA VAL A 86 11.07 24.43 -1.87
C VAL A 86 12.06 25.31 -1.10
N GLU A 87 13.12 24.69 -0.56
CA GLU A 87 14.19 25.40 0.11
C GLU A 87 15.43 24.52 0.13
N ASP A 88 16.56 25.09 0.56
CA ASP A 88 17.80 24.32 0.63
C ASP A 88 17.64 23.14 1.59
N GLY A 89 17.79 21.94 1.06
CA GLY A 89 17.71 20.73 1.86
C GLY A 89 16.29 20.26 2.14
N ILE A 90 15.32 20.93 1.51
CA ILE A 90 13.91 20.60 1.68
C ILE A 90 13.20 20.39 0.34
N TYR A 91 12.68 19.18 0.15
CA TYR A 91 11.75 18.90 -0.95
C TYR A 91 10.34 18.69 -0.42
N HIS A 92 9.36 19.12 -1.21
CA HIS A 92 7.96 18.88 -0.90
C HIS A 92 7.37 17.90 -1.91
N SER A 93 6.50 17.02 -1.42
CA SER A 93 5.81 16.07 -2.27
C SER A 93 4.37 15.81 -1.83
N ASN A 94 3.46 15.73 -2.79
CA ASN A 94 2.06 15.43 -2.48
C ASN A 94 1.70 13.94 -2.56
N SER A 95 2.73 13.10 -2.59
CA SER A 95 2.56 11.65 -2.73
C SER A 95 3.80 10.88 -2.30
N LEU A 96 3.66 10.12 -1.21
CA LEU A 96 4.72 9.23 -0.73
C LEU A 96 5.24 8.28 -1.81
N ARG A 97 4.31 7.60 -2.48
CA ARG A 97 4.65 6.61 -3.50
C ARG A 97 5.29 7.26 -4.72
N ASN A 98 4.78 8.41 -5.14
CA ASN A 98 5.35 9.09 -6.31
C ASN A 98 6.71 9.69 -6.01
N CYS A 99 6.90 10.21 -4.80
CA CYS A 99 8.20 10.78 -4.46
C CYS A 99 9.30 9.72 -4.45
N LEU A 100 8.95 8.51 -4.00
CA LEU A 100 9.88 7.38 -4.01
C LEU A 100 10.26 6.95 -5.43
N THR A 101 9.28 6.87 -6.32
CA THR A 101 9.54 6.60 -7.73
C THR A 101 10.48 7.68 -8.29
N ALA A 102 10.16 8.93 -7.98
CA ALA A 102 10.97 10.08 -8.39
C ALA A 102 12.42 10.00 -7.87
N LEU A 103 12.58 9.66 -6.58
CA LEU A 103 13.90 9.57 -5.98
C LEU A 103 14.74 8.41 -6.52
N GLN A 104 14.07 7.37 -7.01
CA GLN A 104 14.75 6.17 -7.54
C GLN A 104 15.29 6.32 -8.99
N SER A 105 14.94 7.42 -9.64
CA SER A 105 15.43 7.71 -10.99
C SER A 105 16.92 8.08 -10.93
N SER A 106 17.74 7.23 -11.52
CA SER A 106 19.20 7.42 -11.55
C SER A 106 19.61 8.67 -12.34
N LEU A 107 18.76 9.08 -13.28
CA LEU A 107 18.99 10.32 -14.02
C LEU A 107 18.83 11.52 -13.10
N ALA A 108 17.74 11.51 -12.33
CA ALA A 108 17.47 12.56 -11.36
C ALA A 108 18.45 12.54 -10.19
N ASN A 109 18.77 11.34 -9.69
CA ASN A 109 19.55 11.20 -8.45
C ASN A 109 21.07 11.11 -8.65
N GLU A 110 21.49 10.89 -9.90
CA GLU A 110 22.91 10.75 -10.28
C GLU A 110 23.64 9.66 -9.51
N ASN A 111 22.90 8.63 -9.11
CA ASN A 111 23.39 7.58 -8.21
C ASN A 111 24.15 8.13 -6.99
N LYS A 112 23.70 9.28 -6.48
CA LYS A 112 24.33 9.88 -5.30
C LYS A 112 23.49 9.85 -4.02
N ILE A 113 22.40 9.09 -4.04
CA ILE A 113 21.66 8.74 -2.83
C ILE A 113 22.03 7.31 -2.47
N GLU A 114 22.44 7.10 -1.24
CA GLU A 114 22.78 5.74 -0.82
C GLU A 114 21.53 5.01 -0.30
N ARG A 115 20.79 5.64 0.60
CA ARG A 115 19.56 5.06 1.17
C ARG A 115 18.42 6.05 1.32
N ILE A 116 17.20 5.53 1.20
CA ILE A 116 16.00 6.29 1.47
C ILE A 116 15.43 5.80 2.81
N TYR A 117 15.49 6.68 3.81
CA TYR A 117 14.91 6.39 5.11
C TYR A 117 13.52 6.99 5.24
N ILE A 118 12.55 6.13 5.53
CA ILE A 118 11.21 6.58 5.89
C ILE A 118 11.20 6.75 7.42
N ILE A 119 11.14 8.01 7.85
CA ILE A 119 11.41 8.34 9.26
C ILE A 119 10.14 8.67 10.02
N GLY A 120 9.03 8.54 9.34
CA GLY A 120 7.78 8.35 10.04
C GLY A 120 6.65 9.33 9.95
N GLY A 121 5.86 9.24 11.02
CA GLY A 121 4.47 9.46 11.01
C GLY A 121 3.88 8.08 11.11
N GLY A 122 2.91 7.90 12.01
CA GLY A 122 2.12 6.68 12.09
C GLY A 122 1.44 6.43 10.75
N GLU A 123 0.84 7.49 10.22
CA GLU A 123 0.14 7.44 8.95
C GLU A 123 1.08 7.06 7.80
N ILE A 124 2.26 7.68 7.75
CA ILE A 124 3.29 7.32 6.78
C ILE A 124 3.74 5.86 6.91
N TYR A 125 4.00 5.43 8.15
CA TYR A 125 4.42 4.04 8.41
C TYR A 125 3.40 2.99 7.94
N ARG A 126 2.11 3.29 8.10
CA ARG A 126 1.03 2.40 7.66
C ARG A 126 1.13 2.12 6.15
N GLN A 127 1.54 3.14 5.39
CA GLN A 127 1.59 3.04 3.94
C GLN A 127 2.93 2.56 3.43
N SER A 128 3.89 2.38 4.34
CA SER A 128 5.25 2.01 3.98
C SER A 128 5.51 0.50 4.10
N MET A 129 4.56 -0.23 4.67
CA MET A 129 4.71 -1.68 4.87
C MET A 129 4.98 -2.41 3.56
N ASP A 130 4.35 -1.94 2.49
CA ASP A 130 4.54 -2.51 1.16
C ASP A 130 5.66 -1.85 0.36
N LEU A 131 6.20 -0.77 0.90
CA LEU A 131 7.18 0.03 0.18
C LEU A 131 8.60 -0.28 0.64
N ALA A 132 8.76 -0.50 1.94
CA ALA A 132 10.08 -0.65 2.53
C ALA A 132 10.69 -2.02 2.26
N ASP A 133 12.01 -2.02 2.02
CA ASP A 133 12.78 -3.24 1.90
C ASP A 133 13.12 -3.79 3.29
N HIS A 134 13.36 -2.89 4.24
CA HIS A 134 13.79 -3.24 5.59
C HIS A 134 13.11 -2.32 6.59
N TRP A 135 13.11 -2.72 7.84
CA TRP A 135 12.75 -1.84 8.96
C TRP A 135 13.87 -1.85 10.00
N LEU A 136 14.32 -0.66 10.38
CA LEU A 136 15.17 -0.52 11.56
C LEU A 136 14.26 -0.10 12.71
N ILE A 137 14.07 -1.02 13.65
CA ILE A 137 13.11 -0.82 14.74
C ILE A 137 13.84 -0.90 16.06
N THR A 138 13.78 0.21 16.79
CA THR A 138 14.26 0.24 18.15
C THR A 138 13.09 -0.26 19.00
N LYS A 139 13.24 -1.46 19.54
CA LYS A 139 12.24 -2.05 20.39
C LYS A 139 12.50 -1.59 21.81
N ILE A 140 11.58 -0.79 22.35
CA ILE A 140 11.76 -0.21 23.67
C ILE A 140 10.87 -0.89 24.72
N MET A 141 11.48 -1.21 25.86
CA MET A 141 10.78 -1.82 26.97
C MET A 141 10.97 -0.97 28.21
N PRO A 142 9.86 -0.57 28.84
CA PRO A 142 9.95 0.06 30.16
C PRO A 142 10.53 -0.93 31.17
N LEU A 143 11.56 -0.51 31.91
CA LEU A 143 12.11 -1.32 32.98
C LEU A 143 11.06 -1.49 34.10
N PRO A 144 11.18 -2.57 34.90
CA PRO A 144 10.18 -2.92 35.93
C PRO A 144 9.54 -1.75 36.67
N GLU A 145 10.36 -0.78 37.08
CA GLU A 145 9.93 0.34 37.93
C GLU A 145 9.35 1.51 37.13
N THR A 146 9.45 1.42 35.81
CA THR A 146 9.11 2.51 34.92
C THR A 146 7.62 2.50 34.56
N THR A 147 7.01 3.66 34.64
CA THR A 147 5.64 3.86 34.20
C THR A 147 5.56 3.76 32.67
N ILE A 148 4.62 2.94 32.17
CA ILE A 148 4.36 2.87 30.74
C ILE A 148 3.74 4.21 30.30
N PRO A 149 4.38 4.91 29.35
CA PRO A 149 3.84 6.21 28.93
C PRO A 149 2.56 6.07 28.13
N GLN A 150 1.71 7.09 28.16
CA GLN A 150 0.51 7.10 27.32
C GLN A 150 0.89 7.28 25.86
N MET A 151 0.16 6.60 24.98
CA MET A 151 0.46 6.57 23.54
C MET A 151 -0.83 6.56 22.71
N ASP A 152 -0.82 7.24 21.57
CA ASP A 152 -2.01 7.28 20.72
C ASP A 152 -1.71 6.96 19.25
N THR A 153 -0.46 6.57 18.99
CA THR A 153 -0.01 6.26 17.63
C THR A 153 0.85 5.02 17.70
N PHE A 154 0.63 4.11 16.75
CA PHE A 154 1.19 2.77 16.83
C PHE A 154 1.72 2.27 15.49
N LEU A 155 2.85 1.56 15.55
CA LEU A 155 3.33 0.79 14.43
C LEU A 155 2.42 -0.43 14.21
N GLN A 156 2.17 -0.77 12.95
CA GLN A 156 1.34 -1.93 12.61
C GLN A 156 2.16 -3.22 12.71
N LYS A 157 2.15 -3.81 13.90
CA LYS A 157 2.93 -5.00 14.21
C LYS A 157 2.43 -6.22 13.43
N GLN A 158 1.12 -6.30 13.22
CA GLN A 158 0.53 -7.38 12.41
C GLN A 158 1.11 -7.36 10.98
N GLU A 159 1.00 -6.21 10.33
CA GLU A 159 1.51 -6.04 8.95
C GLU A 159 3.01 -6.28 8.86
N LEU A 160 3.75 -5.76 9.84
CA LEU A 160 5.19 -5.99 9.91
C LEU A 160 5.53 -7.49 9.90
N GLU A 161 4.90 -8.25 10.80
CA GLU A 161 5.23 -9.65 10.95
C GLU A 161 4.67 -10.57 9.85
N GLN A 162 3.67 -10.11 9.11
CA GLN A 162 3.22 -10.82 7.91
C GLN A 162 4.27 -10.75 6.80
N ARG A 163 4.92 -9.58 6.66
CA ARG A 163 5.76 -9.28 5.48
C ARG A 163 7.26 -9.38 5.74
N PHE A 164 7.67 -9.22 7.00
CA PHE A 164 9.08 -9.12 7.35
C PHE A 164 9.41 -10.15 8.44
N TYR A 165 10.68 -10.55 8.51
CA TYR A 165 11.18 -11.41 9.57
C TYR A 165 12.28 -10.67 10.31
N ASP A 166 12.51 -11.06 11.56
CA ASP A 166 13.58 -10.52 12.39
C ASP A 166 14.97 -10.91 11.88
N ASN A 167 15.67 -9.95 11.30
CA ASN A 167 16.98 -10.18 10.66
C ASN A 167 18.10 -9.55 11.46
N SER A 168 17.88 -9.38 12.77
CA SER A 168 18.82 -8.69 13.65
C SER A 168 20.23 -9.27 13.73
N ASP A 169 20.38 -10.56 13.39
CA ASP A 169 21.72 -11.17 13.26
C ASP A 169 22.56 -10.46 12.19
N LYS A 170 21.91 -9.69 11.33
CA LYS A 170 22.59 -8.99 10.25
C LYS A 170 22.61 -7.48 10.46
N LEU A 171 22.12 -7.02 11.61
CA LEU A 171 22.05 -5.59 11.89
C LEU A 171 23.39 -4.86 11.72
N VAL A 172 24.44 -5.39 12.35
CA VAL A 172 25.77 -4.78 12.37
C VAL A 172 26.35 -4.61 10.96
N ASP A 173 26.29 -5.67 10.16
CA ASP A 173 26.70 -5.63 8.75
C ASP A 173 25.92 -4.61 7.94
N PHE A 174 24.64 -4.43 8.32
CA PHE A 174 23.68 -3.64 7.56
C PHE A 174 23.86 -2.15 7.80
N LEU A 175 24.30 -1.80 9.00
CA LEU A 175 24.51 -0.40 9.34
C LEU A 175 25.76 0.15 8.64
N PRO A 176 25.80 1.48 8.37
CA PRO A 176 27.00 2.07 7.78
C PRO A 176 28.25 1.71 8.59
N SER A 177 29.36 1.45 7.89
CA SER A 177 30.56 0.89 8.51
C SER A 177 31.12 1.68 9.69
N SER A 178 31.06 3.01 9.62
CA SER A 178 31.69 3.85 10.64
C SER A 178 30.92 3.91 11.96
N ILE A 179 29.69 3.40 11.97
CA ILE A 179 28.89 3.39 13.19
C ILE A 179 29.45 2.37 14.17
N GLN A 180 29.59 2.78 15.43
CA GLN A 180 30.01 1.86 16.47
C GLN A 180 28.98 1.79 17.58
N LEU A 181 28.63 0.56 17.95
CA LEU A 181 27.59 0.34 18.95
C LEU A 181 28.15 -0.28 20.22
N GLU A 182 27.59 0.13 21.35
CA GLU A 182 28.08 -0.25 22.68
C GLU A 182 27.75 -1.69 23.07
N GLY A 183 26.61 -2.19 22.58
CA GLY A 183 26.15 -3.53 22.96
C GLY A 183 26.67 -4.66 22.08
N ARG A 184 26.29 -5.88 22.43
CA ARG A 184 26.53 -7.06 21.60
C ARG A 184 25.20 -7.78 21.41
N LEU A 185 25.05 -8.44 20.27
CA LEU A 185 23.81 -9.17 19.93
C LEU A 185 23.31 -10.04 21.09
N THR A 186 22.07 -9.79 21.52
CA THR A 186 21.46 -10.49 22.64
C THR A 186 20.04 -10.94 22.32
N SER A 187 19.67 -12.14 22.78
CA SER A 187 18.30 -12.66 22.66
C SER A 187 17.63 -12.71 24.04
N GLN A 188 16.58 -11.90 24.22
CA GLN A 188 15.89 -11.80 25.50
C GLN A 188 14.39 -12.04 25.35
N GLU A 189 13.81 -12.79 26.27
CA GLU A 189 12.35 -12.96 26.31
C GLU A 189 11.74 -11.79 27.08
N TRP A 190 10.63 -11.26 26.58
CA TRP A 190 9.97 -10.16 27.24
C TRP A 190 8.48 -10.16 26.96
N ASN A 191 7.69 -10.27 28.04
CA ASN A 191 6.25 -10.46 27.94
C ASN A 191 5.86 -11.47 26.87
N GLY A 192 6.59 -12.59 26.85
CA GLY A 192 6.27 -13.73 25.99
C GLY A 192 6.92 -13.76 24.62
N GLU A 193 7.37 -12.60 24.14
CA GLU A 193 7.94 -12.44 22.79
C GLU A 193 9.48 -12.45 22.78
N LEU A 194 10.07 -12.94 21.70
CA LEU A 194 11.54 -12.91 21.55
C LEU A 194 12.01 -11.53 21.08
N VAL A 195 12.92 -10.94 21.85
CA VAL A 195 13.52 -9.64 21.54
C VAL A 195 15.01 -9.84 21.27
N LYS A 196 15.39 -9.60 20.01
CA LYS A 196 16.76 -9.81 19.55
C LYS A 196 17.30 -8.54 18.88
N GLY A 197 18.49 -8.12 19.29
CA GLY A 197 19.13 -6.93 18.77
C GLY A 197 20.26 -6.45 19.66
N LEU A 198 20.62 -5.18 19.51
CA LEU A 198 21.73 -4.60 20.26
C LEU A 198 21.21 -3.76 21.42
N PRO A 199 21.49 -4.22 22.66
CA PRO A 199 20.84 -3.67 23.85
C PRO A 199 21.41 -2.33 24.31
N VAL A 200 20.52 -1.43 24.71
CA VAL A 200 20.92 -0.20 25.37
C VAL A 200 19.95 0.09 26.52
N GLN A 201 20.47 0.72 27.56
CA GLN A 201 19.65 1.18 28.64
C GLN A 201 19.90 2.67 28.82
N GLU A 202 18.81 3.44 28.93
CA GLU A 202 18.84 4.86 29.24
C GLU A 202 17.57 5.24 29.94
N LYS A 203 17.72 6.03 31.00
CA LYS A 203 16.63 6.43 31.88
C LYS A 203 15.84 5.18 32.33
N GLY A 204 14.52 5.22 32.23
CA GLY A 204 13.72 4.11 32.73
C GLY A 204 13.56 2.94 31.76
N TYR A 205 14.27 3.00 30.63
CA TYR A 205 14.00 2.09 29.52
C TYR A 205 15.19 1.23 29.11
N GLN A 206 14.88 0.00 28.71
CA GLN A 206 15.83 -0.86 28.03
C GLN A 206 15.36 -0.86 26.58
N PHE A 207 16.29 -0.72 25.64
CA PHE A 207 15.92 -0.84 24.22
C PHE A 207 16.89 -1.63 23.36
N TYR A 208 16.36 -2.19 22.28
CA TYR A 208 17.11 -3.02 21.36
C TYR A 208 17.02 -2.42 19.97
N PHE A 209 18.18 -2.21 19.36
CA PHE A 209 18.23 -1.92 17.94
C PHE A 209 18.07 -3.24 17.20
N THR A 210 17.06 -3.32 16.33
CA THR A 210 16.77 -4.53 15.56
C THR A 210 16.66 -4.18 14.07
N LEU A 211 16.78 -5.20 13.23
CA LEU A 211 16.60 -5.09 11.80
C LEU A 211 15.59 -6.15 11.30
N TYR A 212 14.58 -5.68 10.59
CA TYR A 212 13.61 -6.55 9.93
C TYR A 212 13.79 -6.45 8.43
N THR A 213 13.67 -7.61 7.76
CA THR A 213 13.94 -7.74 6.32
C THR A 213 12.75 -8.46 5.69
N LYS A 214 12.41 -8.08 4.46
CA LYS A 214 11.30 -8.72 3.72
C LYS A 214 11.46 -10.23 3.68
N LYS A 215 10.35 -10.94 3.86
CA LYS A 215 10.37 -12.41 3.79
C LYS A 215 10.62 -12.84 2.33
N LEU A 216 11.16 -14.05 2.16
CA LEU A 216 11.24 -14.65 0.84
C LEU A 216 9.86 -14.69 0.20
N GLU A 217 9.81 -14.38 -1.09
CA GLU A 217 8.59 -14.41 -1.86
C GLU A 217 8.62 -15.55 -2.86
N HIS A 218 7.50 -16.26 -3.00
CA HIS A 218 7.32 -17.19 -4.10
C HIS A 218 7.32 -16.44 -5.44
N HIS A 219 7.73 -17.13 -6.49
CA HIS A 219 7.71 -16.58 -7.84
C HIS A 219 6.39 -16.98 -8.52
N HIS A 220 5.46 -16.04 -8.57
CA HIS A 220 4.17 -16.28 -9.17
C HIS A 220 4.09 -15.71 -10.59
N HIS A 221 4.74 -14.58 -10.79
CA HIS A 221 4.71 -13.92 -12.09
C HIS A 221 5.86 -12.94 -12.24
N HIS A 222 6.42 -12.91 -13.45
CA HIS A 222 7.40 -11.92 -13.83
C HIS A 222 6.94 -11.33 -15.16
N HIS A 223 6.85 -10.01 -15.21
CA HIS A 223 6.28 -9.35 -16.37
C HIS A 223 7.16 -9.44 -17.62
N HIS A 224 6.65 -10.12 -18.64
CA HIS A 224 7.27 -10.16 -19.97
C HIS A 224 6.49 -9.35 -21.00
N HIS A 225 7.20 -8.84 -22.00
CA HIS A 225 6.60 -8.01 -23.05
C HIS A 225 6.07 -8.84 -24.21
N LYS B 1 -15.86 -2.25 7.12
CA LYS B 1 -17.02 -3.17 7.34
C LYS B 1 -17.80 -3.40 6.04
N VAL B 2 -17.71 -2.45 5.12
CA VAL B 2 -18.24 -2.65 3.78
C VAL B 2 -17.12 -3.29 2.94
N PRO B 3 -17.43 -4.40 2.23
CA PRO B 3 -16.39 -5.09 1.45
C PRO B 3 -15.82 -4.18 0.35
N VAL B 4 -14.49 -4.21 0.22
CA VAL B 4 -13.79 -3.50 -0.84
C VAL B 4 -13.34 -4.50 -1.92
N VAL B 5 -13.83 -4.28 -3.14
CA VAL B 5 -13.66 -5.26 -4.20
C VAL B 5 -13.03 -4.58 -5.41
N GLY B 6 -11.85 -5.06 -5.78
CA GLY B 6 -11.24 -4.68 -7.04
C GLY B 6 -11.97 -5.42 -8.14
N ILE B 7 -12.32 -4.70 -9.20
CA ILE B 7 -12.91 -5.33 -10.38
C ILE B 7 -12.21 -4.88 -11.66
N VAL B 8 -11.84 -5.86 -12.48
CA VAL B 8 -10.93 -5.65 -13.60
C VAL B 8 -11.11 -6.75 -14.64
N ALA B 9 -10.92 -6.38 -15.91
CA ALA B 9 -10.81 -7.35 -17.00
C ALA B 9 -9.36 -7.36 -17.48
N ALA B 10 -8.72 -8.53 -17.43
CA ALA B 10 -7.29 -8.62 -17.75
C ALA B 10 -7.01 -9.73 -18.75
N LEU B 11 -6.11 -9.45 -19.71
CA LEU B 11 -5.74 -10.42 -20.74
C LEU B 11 -4.57 -11.31 -20.32
N LEU B 12 -4.79 -12.62 -20.30
CA LEU B 12 -3.74 -13.56 -19.92
C LEU B 12 -2.74 -13.72 -21.06
N PRO B 13 -1.47 -14.05 -20.73
CA PRO B 13 -0.92 -14.38 -19.41
C PRO B 13 -0.33 -13.21 -18.62
N GLU B 14 -0.12 -12.05 -19.26
CA GLU B 14 0.53 -10.90 -18.63
C GLU B 14 -0.42 -10.01 -17.82
N MET B 15 -1.72 -10.31 -17.89
CA MET B 15 -2.77 -9.50 -17.26
C MET B 15 -2.77 -8.03 -17.68
N GLY B 16 -2.66 -7.81 -18.99
CA GLY B 16 -2.80 -6.49 -19.58
C GLY B 16 -4.25 -6.03 -19.51
N ILE B 17 -4.44 -4.73 -19.25
CA ILE B 17 -5.77 -4.16 -19.02
C ILE B 17 -6.04 -2.88 -19.85
N GLY B 18 -4.98 -2.34 -20.46
CA GLY B 18 -5.09 -1.05 -21.13
C GLY B 18 -4.01 -0.78 -22.17
N PHE B 19 -4.31 0.15 -23.07
CA PHE B 19 -3.37 0.64 -24.06
C PHE B 19 -3.77 2.06 -24.44
N GLN B 20 -2.81 2.98 -24.38
CA GLN B 20 -3.00 4.37 -24.82
C GLN B 20 -4.25 5.05 -24.24
N GLY B 21 -4.46 4.87 -22.93
CA GLY B 21 -5.57 5.50 -22.24
C GLY B 21 -6.91 4.82 -22.41
N ASN B 22 -6.94 3.73 -23.17
CA ASN B 22 -8.18 3.00 -23.44
C ASN B 22 -8.06 1.50 -23.23
N LEU B 23 -9.19 0.83 -23.26
CA LEU B 23 -9.24 -0.63 -23.23
C LEU B 23 -8.69 -1.21 -24.54
N PRO B 24 -8.02 -2.38 -24.48
CA PRO B 24 -7.50 -3.05 -25.68
C PRO B 24 -8.52 -3.93 -26.43
N TRP B 25 -9.74 -3.99 -25.94
CA TRP B 25 -10.82 -4.77 -26.54
C TRP B 25 -12.15 -4.06 -26.28
N ARG B 26 -13.21 -4.53 -26.93
CA ARG B 26 -14.57 -4.06 -26.68
C ARG B 26 -15.48 -5.28 -26.61
N LEU B 27 -15.82 -5.67 -25.39
CA LEU B 27 -16.61 -6.87 -25.19
C LEU B 27 -17.90 -6.52 -24.44
N ALA B 28 -19.00 -6.53 -25.19
CA ALA B 28 -20.31 -6.13 -24.69
C ALA B 28 -20.81 -6.98 -23.53
N LYS B 29 -20.50 -8.27 -23.58
CA LYS B 29 -20.86 -9.19 -22.50
C LYS B 29 -19.99 -8.98 -21.25
N GLU B 30 -18.76 -8.51 -21.46
CA GLU B 30 -17.88 -8.18 -20.35
C GLU B 30 -18.35 -6.91 -19.66
N MET B 31 -18.65 -5.87 -20.46
CA MET B 31 -19.27 -4.62 -20.01
C MET B 31 -20.60 -4.83 -19.26
N LYS B 32 -21.42 -5.75 -19.75
CA LYS B 32 -22.70 -6.09 -19.14
C LYS B 32 -22.50 -6.62 -17.73
N TYR B 33 -21.58 -7.58 -17.61
CA TYR B 33 -21.16 -8.13 -16.32
C TYR B 33 -20.69 -7.04 -15.36
N PHE B 34 -19.77 -6.19 -15.84
CA PHE B 34 -19.24 -5.09 -15.04
C PHE B 34 -20.36 -4.16 -14.55
N ARG B 35 -21.25 -3.80 -15.47
CA ARG B 35 -22.36 -2.90 -15.18
C ARG B 35 -23.26 -3.51 -14.13
N GLU B 36 -23.69 -4.74 -14.37
CA GLU B 36 -24.60 -5.42 -13.45
C GLU B 36 -23.99 -5.69 -12.06
N VAL B 37 -22.74 -6.15 -12.02
CA VAL B 37 -22.07 -6.44 -10.74
C VAL B 37 -21.98 -5.17 -9.90
N THR B 38 -21.45 -4.10 -10.49
CA THR B 38 -21.23 -2.84 -9.78
C THR B 38 -22.51 -2.06 -9.48
N THR B 39 -23.53 -2.23 -10.33
CA THR B 39 -24.83 -1.59 -10.13
C THR B 39 -25.68 -2.31 -9.10
N LEU B 40 -25.87 -3.61 -9.31
CA LEU B 40 -26.82 -4.38 -8.49
C LEU B 40 -26.36 -4.58 -7.04
N THR B 41 -27.37 -4.65 -6.16
CA THR B 41 -27.18 -4.93 -4.74
C THR B 41 -28.23 -5.94 -4.27
N ASN B 42 -27.91 -6.65 -3.19
CA ASN B 42 -28.87 -7.54 -2.55
C ASN B 42 -29.92 -6.76 -1.74
N ASP B 43 -29.50 -5.65 -1.15
CA ASP B 43 -30.42 -4.77 -0.44
C ASP B 43 -30.82 -3.59 -1.33
N ASN B 44 -32.12 -3.54 -1.66
CA ASN B 44 -32.72 -2.59 -2.62
C ASN B 44 -32.56 -1.12 -2.28
N SER B 45 -32.25 -0.83 -1.01
CA SER B 45 -32.15 0.55 -0.52
C SER B 45 -30.72 1.05 -0.47
N LYS B 46 -29.76 0.16 -0.75
CA LYS B 46 -28.35 0.55 -0.80
C LYS B 46 -27.89 0.71 -2.25
N GLN B 47 -26.79 1.43 -2.44
CA GLN B 47 -26.08 1.48 -3.73
C GLN B 47 -24.66 1.02 -3.49
N ASN B 48 -23.93 0.78 -4.58
CA ASN B 48 -22.51 0.55 -4.49
C ASN B 48 -21.74 1.82 -4.83
N VAL B 49 -20.50 1.88 -4.38
CA VAL B 49 -19.56 2.91 -4.79
C VAL B 49 -18.68 2.37 -5.92
N VAL B 50 -18.33 3.23 -6.86
CA VAL B 50 -17.27 2.97 -7.83
C VAL B 50 -16.17 4.02 -7.68
N ILE B 51 -14.96 3.56 -7.34
CA ILE B 51 -13.79 4.43 -7.20
C ILE B 51 -12.83 4.23 -8.36
N MET B 52 -12.37 5.33 -8.95
CA MET B 52 -11.48 5.24 -10.10
C MET B 52 -10.42 6.34 -10.15
N GLY B 53 -9.30 6.02 -10.79
CA GLY B 53 -8.31 7.04 -11.12
C GLY B 53 -8.88 8.10 -12.08
N ARG B 54 -8.28 9.29 -12.01
CA ARG B 54 -8.67 10.41 -12.85
C ARG B 54 -8.58 10.07 -14.36
N LYS B 55 -7.52 9.36 -14.74
CA LYS B 55 -7.29 9.02 -16.14
C LYS B 55 -8.35 8.03 -16.63
N THR B 56 -8.82 7.17 -15.73
CA THR B 56 -9.90 6.24 -16.07
C THR B 56 -11.24 6.97 -16.23
N TRP B 57 -11.48 7.96 -15.36
CA TRP B 57 -12.65 8.83 -15.47
C TRP B 57 -12.70 9.51 -16.83
N GLU B 58 -11.56 10.06 -17.25
CA GLU B 58 -11.44 10.78 -18.50
C GLU B 58 -11.60 9.87 -19.70
N SER B 59 -11.38 8.57 -19.50
CA SER B 59 -11.53 7.58 -20.57
C SER B 59 -12.98 7.18 -20.83
N ILE B 60 -13.84 7.25 -19.81
CA ILE B 60 -15.25 6.91 -19.98
C ILE B 60 -15.95 7.93 -20.87
N PRO B 61 -16.67 7.46 -21.91
CA PRO B 61 -17.47 8.37 -22.75
C PRO B 61 -18.32 9.32 -21.93
N GLN B 62 -18.30 10.59 -22.32
CA GLN B 62 -18.98 11.67 -21.57
C GLN B 62 -20.46 11.41 -21.32
N LYS B 63 -21.11 10.68 -22.23
CA LYS B 63 -22.52 10.35 -22.08
C LYS B 63 -22.80 9.29 -21.03
N PHE B 64 -21.79 8.47 -20.73
CA PHE B 64 -21.97 7.35 -19.81
C PHE B 64 -21.39 7.59 -18.42
N ARG B 65 -20.91 8.81 -18.18
CA ARG B 65 -20.34 9.18 -16.90
C ARG B 65 -21.07 10.41 -16.30
N PRO B 66 -21.35 10.39 -14.98
CA PRO B 66 -20.97 9.35 -14.03
C PRO B 66 -21.77 8.08 -14.27
N LEU B 67 -21.20 6.94 -13.89
CA LEU B 67 -21.87 5.67 -14.07
C LEU B 67 -23.16 5.68 -13.28
N PRO B 68 -24.31 5.52 -13.97
CA PRO B 68 -25.63 5.55 -13.34
C PRO B 68 -25.81 4.56 -12.19
N LYS B 69 -26.53 4.99 -11.15
CA LYS B 69 -27.01 4.13 -10.08
C LYS B 69 -25.87 3.65 -9.20
N ARG B 70 -24.70 4.25 -9.35
CA ARG B 70 -23.57 4.02 -8.47
C ARG B 70 -23.02 5.36 -7.98
N ILE B 71 -22.54 5.39 -6.74
CA ILE B 71 -21.78 6.54 -6.27
C ILE B 71 -20.41 6.50 -6.94
N ASN B 72 -20.09 7.57 -7.67
CA ASN B 72 -18.81 7.70 -8.37
C ASN B 72 -17.83 8.55 -7.58
N VAL B 73 -16.65 8.00 -7.36
CA VAL B 73 -15.55 8.73 -6.75
C VAL B 73 -14.38 8.73 -7.73
N VAL B 74 -13.89 9.93 -8.03
CA VAL B 74 -12.74 10.10 -8.89
C VAL B 74 -11.58 10.57 -8.01
N VAL B 75 -10.42 9.93 -8.13
CA VAL B 75 -9.28 10.33 -7.32
C VAL B 75 -8.21 11.04 -8.13
N SER B 76 -7.74 12.16 -7.59
CA SER B 76 -6.69 12.97 -8.24
C SER B 76 -5.88 13.66 -7.17
N ARG B 77 -4.56 13.70 -7.34
CA ARG B 77 -3.67 14.35 -6.38
C ARG B 77 -3.95 15.86 -6.30
N SER B 78 -4.52 16.41 -7.36
CA SER B 78 -4.85 17.85 -7.46
C SER B 78 -6.25 18.23 -6.94
N PHE B 79 -7.01 17.24 -6.49
CA PHE B 79 -8.31 17.53 -5.89
C PHE B 79 -8.10 18.05 -4.47
N ASP B 80 -9.19 18.51 -3.86
CA ASP B 80 -9.12 19.35 -2.65
C ASP B 80 -9.02 18.61 -1.33
N GLY B 81 -9.78 17.54 -1.15
CA GLY B 81 -9.82 16.85 0.13
C GLY B 81 -10.13 15.38 -0.02
N GLU B 82 -10.51 14.75 1.10
CA GLU B 82 -10.63 13.30 1.16
C GLU B 82 -11.89 12.74 0.49
N LEU B 83 -12.94 13.55 0.41
CA LEU B 83 -14.23 13.08 -0.12
C LEU B 83 -15.24 14.23 -0.24
N ARG B 84 -15.25 14.87 -1.39
CA ARG B 84 -16.10 16.03 -1.58
C ARG B 84 -17.06 15.83 -2.75
N LYS B 85 -18.33 16.13 -2.52
CA LYS B 85 -19.31 16.16 -3.58
C LYS B 85 -19.02 17.37 -4.47
N VAL B 86 -18.82 17.13 -5.76
CA VAL B 86 -18.60 18.20 -6.73
C VAL B 86 -19.78 18.34 -7.69
N GLU B 87 -20.51 17.25 -7.90
CA GLU B 87 -21.70 17.24 -8.75
C GLU B 87 -22.59 16.08 -8.33
N ASP B 88 -23.80 16.03 -8.87
CA ASP B 88 -24.74 14.94 -8.57
C ASP B 88 -24.15 13.61 -9.01
N GLY B 89 -23.93 12.71 -8.05
CA GLY B 89 -23.39 11.39 -8.34
C GLY B 89 -21.89 11.37 -8.53
N ILE B 90 -21.23 12.50 -8.26
CA ILE B 90 -19.78 12.60 -8.36
C ILE B 90 -19.13 13.16 -7.09
N TYR B 91 -18.24 12.36 -6.51
CA TYR B 91 -17.35 12.82 -5.45
C TYR B 91 -15.93 12.90 -5.95
N HIS B 92 -15.20 13.90 -5.47
CA HIS B 92 -13.78 14.04 -5.76
C HIS B 92 -12.96 13.78 -4.50
N SER B 93 -11.82 13.11 -4.67
CA SER B 93 -10.91 12.85 -3.57
C SER B 93 -9.43 12.93 -3.98
N ASN B 94 -8.63 13.54 -3.12
CA ASN B 94 -7.18 13.61 -3.37
C ASN B 94 -6.39 12.44 -2.77
N SER B 95 -7.10 11.40 -2.36
CA SER B 95 -6.46 10.26 -1.68
C SER B 95 -7.34 9.01 -1.72
N LEU B 96 -6.88 8.01 -2.45
CA LEU B 96 -7.53 6.70 -2.50
C LEU B 96 -7.78 6.12 -1.10
N ARG B 97 -6.72 6.07 -0.29
CA ARG B 97 -6.79 5.52 1.06
C ARG B 97 -7.71 6.33 1.97
N ASN B 98 -7.60 7.66 1.91
CA ASN B 98 -8.46 8.50 2.75
C ASN B 98 -9.92 8.43 2.33
N CYS B 99 -10.21 8.36 1.04
CA CYS B 99 -11.60 8.29 0.60
C CYS B 99 -12.26 7.00 1.07
N LEU B 100 -11.52 5.90 1.06
CA LEU B 100 -11.98 4.62 1.60
C LEU B 100 -12.31 4.69 3.09
N THR B 101 -11.41 5.25 3.88
CA THR B 101 -11.67 5.47 5.30
C THR B 101 -12.94 6.29 5.47
N ALA B 102 -13.05 7.37 4.68
CA ALA B 102 -14.23 8.23 4.71
C ALA B 102 -15.52 7.50 4.33
N LEU B 103 -15.44 6.66 3.30
CA LEU B 103 -16.62 5.91 2.84
C LEU B 103 -17.09 4.85 3.84
N GLN B 104 -16.15 4.33 4.64
CA GLN B 104 -16.45 3.29 5.63
C GLN B 104 -17.08 3.80 6.93
N SER B 105 -17.16 5.13 7.09
CA SER B 105 -17.81 5.73 8.26
C SER B 105 -19.32 5.52 8.17
N SER B 106 -19.85 4.75 9.12
CA SER B 106 -21.28 4.44 9.17
C SER B 106 -22.14 5.67 9.45
N LEU B 107 -21.56 6.66 10.13
CA LEU B 107 -22.25 7.94 10.35
C LEU B 107 -22.42 8.68 9.02
N ALA B 108 -21.33 8.74 8.25
CA ALA B 108 -21.34 9.37 6.94
C ALA B 108 -22.18 8.61 5.94
N ASN B 109 -22.06 7.28 5.94
CA ASN B 109 -22.68 6.45 4.89
C ASN B 109 -24.09 5.93 5.21
N GLU B 110 -24.49 6.05 6.47
CA GLU B 110 -25.82 5.62 6.96
C GLU B 110 -26.09 4.15 6.70
N ASN B 111 -25.02 3.35 6.68
CA ASN B 111 -25.08 1.94 6.27
C ASN B 111 -25.89 1.69 5.00
N LYS B 112 -25.81 2.63 4.05
CA LYS B 112 -26.51 2.52 2.77
C LYS B 112 -25.61 2.29 1.56
N ILE B 113 -24.33 2.02 1.80
CA ILE B 113 -23.44 1.48 0.76
C ILE B 113 -23.30 -0.02 0.99
N GLU B 114 -23.55 -0.82 -0.03
CA GLU B 114 -23.38 -2.26 0.13
C GLU B 114 -21.92 -2.67 -0.15
N ARG B 115 -21.38 -2.23 -1.29
CA ARG B 115 -20.00 -2.53 -1.66
C ARG B 115 -19.25 -1.34 -2.25
N ILE B 116 -17.94 -1.35 -2.05
CA ILE B 116 -17.05 -0.40 -2.68
C ILE B 116 -16.24 -1.13 -3.77
N TYR B 117 -16.52 -0.78 -5.02
CA TYR B 117 -15.79 -1.33 -6.15
C TYR B 117 -14.67 -0.39 -6.58
N ILE B 118 -13.46 -0.92 -6.60
CA ILE B 118 -12.35 -0.22 -7.20
C ILE B 118 -12.29 -0.65 -8.67
N ILE B 119 -12.60 0.30 -9.56
CA ILE B 119 -12.89 -0.04 -10.95
C ILE B 119 -11.76 0.38 -11.86
N GLY B 120 -10.69 0.88 -11.26
CA GLY B 120 -9.43 0.86 -11.92
C GLY B 120 -8.68 2.12 -12.26
N GLY B 121 -7.84 1.94 -13.27
CA GLY B 121 -6.60 2.58 -13.40
C GLY B 121 -5.59 1.51 -13.03
N GLY B 122 -4.56 1.35 -13.85
CA GLY B 122 -3.42 0.49 -13.52
C GLY B 122 -2.75 1.02 -12.25
N GLU B 123 -2.55 2.33 -12.22
CA GLU B 123 -1.98 3.00 -11.06
C GLU B 123 -2.83 2.81 -9.79
N ILE B 124 -4.14 2.95 -9.92
CA ILE B 124 -5.07 2.66 -8.81
C ILE B 124 -5.01 1.20 -8.35
N TYR B 125 -5.02 0.27 -9.30
CA TYR B 125 -4.93 -1.16 -8.99
C TYR B 125 -3.66 -1.54 -8.22
N ARG B 126 -2.54 -0.90 -8.58
CA ARG B 126 -1.25 -1.09 -7.92
C ARG B 126 -1.36 -0.85 -6.41
N GLN B 127 -2.13 0.17 -6.05
CA GLN B 127 -2.23 0.63 -4.68
C GLN B 127 -3.38 -0.05 -3.94
N SER B 128 -4.16 -0.85 -4.65
CA SER B 128 -5.35 -1.49 -4.08
C SER B 128 -5.08 -2.92 -3.61
N MET B 129 -3.92 -3.47 -3.92
CA MET B 129 -3.59 -4.86 -3.56
C MET B 129 -3.69 -5.08 -2.06
N ASP B 130 -3.30 -4.06 -1.29
CA ASP B 130 -3.37 -4.10 0.18
C ASP B 130 -4.67 -3.61 0.74
N LEU B 131 -5.52 -3.05 -0.11
CA LEU B 131 -6.75 -2.42 0.32
C LEU B 131 -7.96 -3.32 0.08
N ALA B 132 -7.94 -4.05 -1.04
CA ALA B 132 -9.06 -4.87 -1.46
C ALA B 132 -9.23 -6.12 -0.60
N ASP B 133 -10.49 -6.47 -0.33
CA ASP B 133 -10.84 -7.73 0.31
C ASP B 133 -10.89 -8.85 -0.73
N HIS B 134 -11.34 -8.50 -1.94
CA HIS B 134 -11.53 -9.45 -3.03
C HIS B 134 -11.13 -8.80 -4.34
N TRP B 135 -10.91 -9.63 -5.36
CA TRP B 135 -10.80 -9.17 -6.75
C TRP B 135 -11.77 -9.98 -7.62
N LEU B 136 -12.58 -9.26 -8.39
CA LEU B 136 -13.36 -9.84 -9.48
C LEU B 136 -12.55 -9.61 -10.75
N ILE B 137 -12.01 -10.70 -11.29
CA ILE B 137 -11.10 -10.62 -12.42
C ILE B 137 -11.66 -11.42 -13.57
N THR B 138 -11.91 -10.72 -14.67
CA THR B 138 -12.29 -11.35 -15.89
C THR B 138 -10.98 -11.72 -16.58
N LYS B 139 -10.68 -13.01 -16.61
CA LYS B 139 -9.48 -13.51 -17.26
C LYS B 139 -9.77 -13.74 -18.73
N ILE B 140 -9.13 -12.94 -19.59
CA ILE B 140 -9.40 -12.98 -21.02
C ILE B 140 -8.27 -13.67 -21.80
N MET B 141 -8.67 -14.56 -22.70
CA MET B 141 -7.74 -15.29 -23.53
C MET B 141 -8.11 -15.10 -24.98
N PRO B 142 -7.16 -14.62 -25.80
CA PRO B 142 -7.41 -14.62 -27.24
C PRO B 142 -7.54 -16.05 -27.75
N LEU B 143 -8.59 -16.31 -28.52
CA LEU B 143 -8.77 -17.60 -29.17
C LEU B 143 -7.64 -17.82 -30.20
N PRO B 144 -7.34 -19.09 -30.54
CA PRO B 144 -6.19 -19.44 -31.40
C PRO B 144 -5.93 -18.51 -32.59
N GLU B 145 -7.00 -18.09 -33.26
CA GLU B 145 -6.93 -17.32 -34.50
C GLU B 145 -6.83 -15.81 -34.26
N THR B 146 -6.94 -15.40 -33.00
CA THR B 146 -7.06 -14.00 -32.60
C THR B 146 -5.70 -13.38 -32.36
N THR B 147 -5.50 -12.20 -32.93
CA THR B 147 -4.30 -11.43 -32.69
C THR B 147 -4.28 -10.89 -31.25
N ILE B 148 -3.20 -11.14 -30.52
CA ILE B 148 -3.03 -10.54 -29.20
C ILE B 148 -2.90 -9.02 -29.34
N PRO B 149 -3.78 -8.26 -28.67
CA PRO B 149 -3.73 -6.81 -28.82
C PRO B 149 -2.55 -6.19 -28.09
N GLN B 150 -2.08 -5.03 -28.57
CA GLN B 150 -1.01 -4.31 -27.89
C GLN B 150 -1.52 -3.73 -26.57
N MET B 151 -0.66 -3.75 -25.55
CA MET B 151 -1.02 -3.34 -24.19
C MET B 151 0.14 -2.61 -23.51
N ASP B 152 -0.18 -1.58 -22.71
CA ASP B 152 0.86 -0.83 -22.01
C ASP B 152 0.60 -0.70 -20.51
N THR B 153 -0.48 -1.31 -20.04
CA THR B 153 -0.89 -1.23 -18.64
C THR B 153 -1.25 -2.64 -18.18
N PHE B 154 -0.79 -3.01 -16.99
CA PHE B 154 -0.88 -4.38 -16.52
C PHE B 154 -1.33 -4.49 -15.07
N LEU B 155 -2.17 -5.48 -14.78
CA LEU B 155 -2.45 -5.87 -13.41
C LEU B 155 -1.21 -6.56 -12.81
N GLN B 156 -0.96 -6.30 -11.53
CA GLN B 156 0.20 -6.88 -10.84
C GLN B 156 -0.11 -8.29 -10.39
N LYS B 157 0.18 -9.26 -11.26
CA LYS B 157 -0.14 -10.67 -11.04
C LYS B 157 0.69 -11.25 -9.89
N GLN B 158 1.93 -10.79 -9.75
CA GLN B 158 2.78 -11.26 -8.65
C GLN B 158 2.14 -10.91 -7.31
N GLU B 159 1.81 -9.62 -7.14
CA GLU B 159 1.18 -9.12 -5.91
C GLU B 159 -0.16 -9.79 -5.64
N LEU B 160 -0.97 -9.96 -6.69
CA LEU B 160 -2.25 -10.66 -6.58
C LEU B 160 -2.08 -12.05 -5.97
N GLU B 161 -1.15 -12.82 -6.52
CA GLU B 161 -1.00 -14.22 -6.10
C GLU B 161 -0.25 -14.41 -4.78
N GLN B 162 0.51 -13.39 -4.35
CA GLN B 162 1.07 -13.39 -3.00
C GLN B 162 -0.02 -13.27 -1.95
N ARG B 163 -1.03 -12.43 -2.20
CA ARG B 163 -1.99 -12.01 -1.18
C ARG B 163 -3.35 -12.70 -1.27
N PHE B 164 -3.71 -13.16 -2.48
CA PHE B 164 -5.06 -13.67 -2.74
C PHE B 164 -4.95 -15.07 -3.34
N TYR B 165 -5.99 -15.87 -3.17
CA TYR B 165 -6.10 -17.19 -3.80
C TYR B 165 -7.33 -17.21 -4.68
N ASP B 166 -7.33 -18.08 -5.68
CA ASP B 166 -8.47 -18.29 -6.58
C ASP B 166 -9.67 -18.89 -5.86
N ASN B 167 -10.70 -18.06 -5.65
CA ASN B 167 -11.91 -18.45 -4.88
C ASN B 167 -13.14 -18.57 -5.78
N SER B 168 -12.90 -18.83 -7.06
CA SER B 168 -13.96 -18.85 -8.08
C SER B 168 -15.08 -19.86 -7.83
N ASP B 169 -14.80 -20.90 -7.04
CA ASP B 169 -15.84 -21.82 -6.56
C ASP B 169 -16.96 -21.09 -5.82
N LYS B 170 -16.67 -19.88 -5.34
CA LYS B 170 -17.63 -19.11 -4.57
C LYS B 170 -18.12 -17.89 -5.34
N LEU B 171 -17.74 -17.77 -6.61
CA LEU B 171 -18.12 -16.60 -7.41
C LEU B 171 -19.64 -16.35 -7.42
N VAL B 172 -20.41 -17.39 -7.76
CA VAL B 172 -21.87 -17.29 -7.91
C VAL B 172 -22.57 -16.82 -6.63
N ASP B 173 -22.20 -17.41 -5.50
CA ASP B 173 -22.68 -16.99 -4.18
C ASP B 173 -22.33 -15.54 -3.86
N PHE B 174 -21.20 -15.09 -4.39
CA PHE B 174 -20.60 -13.80 -4.03
C PHE B 174 -21.23 -12.67 -4.82
N LEU B 175 -21.71 -12.96 -6.02
CA LEU B 175 -22.34 -11.94 -6.84
C LEU B 175 -23.75 -11.63 -6.35
N PRO B 176 -24.22 -10.39 -6.56
CA PRO B 176 -25.60 -10.06 -6.15
C PRO B 176 -26.59 -11.09 -6.69
N SER B 177 -27.60 -11.43 -5.89
CA SER B 177 -28.51 -12.54 -6.17
C SER B 177 -29.21 -12.49 -7.52
N SER B 178 -29.59 -11.29 -7.96
CA SER B 178 -30.40 -11.14 -9.17
C SER B 178 -29.61 -11.34 -10.46
N ILE B 179 -28.28 -11.38 -10.37
CA ILE B 179 -27.44 -11.59 -11.55
C ILE B 179 -27.55 -13.03 -12.05
N GLN B 180 -27.75 -13.18 -13.35
CA GLN B 180 -27.80 -14.50 -13.97
C GLN B 180 -26.68 -14.63 -14.98
N LEU B 181 -25.92 -15.72 -14.87
CA LEU B 181 -24.79 -15.97 -15.77
C LEU B 181 -25.06 -17.15 -16.70
N GLU B 182 -24.59 -17.03 -17.94
CA GLU B 182 -24.83 -18.01 -18.99
C GLU B 182 -24.02 -19.30 -18.83
N GLY B 183 -22.83 -19.20 -18.26
CA GLY B 183 -21.95 -20.35 -18.13
C GLY B 183 -22.12 -21.16 -16.87
N ARG B 184 -21.34 -22.22 -16.75
CA ARG B 184 -21.23 -23.00 -15.52
C ARG B 184 -19.76 -23.14 -15.18
N LEU B 185 -19.46 -23.24 -13.87
CA LEU B 185 -18.06 -23.32 -13.39
C LEU B 185 -17.22 -24.33 -14.16
N THR B 186 -16.10 -23.87 -14.71
CA THR B 186 -15.22 -24.71 -15.53
C THR B 186 -13.75 -24.50 -15.16
N SER B 187 -12.99 -25.59 -15.16
CA SER B 187 -11.53 -25.56 -14.95
C SER B 187 -10.79 -25.90 -16.25
N GLN B 188 -10.08 -24.92 -16.81
CA GLN B 188 -9.38 -25.07 -18.07
C GLN B 188 -7.90 -24.73 -17.92
N GLU B 189 -7.03 -25.54 -18.51
CA GLU B 189 -5.61 -25.21 -18.56
C GLU B 189 -5.35 -24.32 -19.78
N TRP B 190 -4.53 -23.29 -19.58
CA TRP B 190 -4.21 -22.36 -20.66
C TRP B 190 -2.84 -21.76 -20.48
N ASN B 191 -1.99 -21.98 -21.49
CA ASN B 191 -0.57 -21.62 -21.43
C ASN B 191 0.07 -21.99 -20.08
N GLY B 192 -0.23 -23.20 -19.62
CA GLY B 192 0.37 -23.75 -18.40
C GLY B 192 -0.33 -23.48 -17.08
N GLU B 193 -1.14 -22.41 -17.03
CA GLU B 193 -1.84 -22.00 -15.80
C GLU B 193 -3.29 -22.49 -15.71
N LEU B 194 -3.77 -22.72 -14.49
CA LEU B 194 -5.17 -23.11 -14.27
C LEU B 194 -6.08 -21.87 -14.35
N VAL B 195 -7.08 -21.95 -15.23
CA VAL B 195 -8.10 -20.91 -15.36
C VAL B 195 -9.45 -21.49 -14.93
N LYS B 196 -9.99 -20.93 -13.84
CA LYS B 196 -11.24 -21.39 -13.27
C LYS B 196 -12.21 -20.23 -13.06
N GLY B 197 -13.44 -20.41 -13.55
CA GLY B 197 -14.47 -19.39 -13.49
C GLY B 197 -15.64 -19.69 -14.40
N LEU B 198 -16.43 -18.65 -14.68
CA LEU B 198 -17.61 -18.76 -15.53
C LEU B 198 -17.29 -18.33 -16.96
N PRO B 199 -17.33 -19.28 -17.91
CA PRO B 199 -16.83 -19.03 -19.26
C PRO B 199 -17.78 -18.24 -20.15
N VAL B 200 -17.20 -17.32 -20.92
CA VAL B 200 -17.92 -16.61 -21.98
C VAL B 200 -17.02 -16.50 -23.21
N GLN B 201 -17.63 -16.54 -24.38
CA GLN B 201 -16.94 -16.26 -25.61
C GLN B 201 -17.67 -15.10 -26.29
N GLU B 202 -16.90 -14.12 -26.74
CA GLU B 202 -17.40 -13.04 -27.57
C GLU B 202 -16.27 -12.56 -28.45
N LYS B 203 -16.60 -12.35 -29.72
CA LYS B 203 -15.65 -11.98 -30.76
C LYS B 203 -14.46 -12.94 -30.77
N GLY B 204 -13.24 -12.42 -30.77
CA GLY B 204 -12.07 -13.29 -30.87
C GLY B 204 -11.62 -13.89 -29.55
N TYR B 205 -12.39 -13.66 -28.49
CA TYR B 205 -11.93 -13.92 -27.13
C TYR B 205 -12.78 -14.91 -26.36
N GLN B 206 -12.12 -15.70 -25.54
CA GLN B 206 -12.76 -16.51 -24.52
C GLN B 206 -12.41 -15.83 -23.20
N PHE B 207 -13.40 -15.64 -22.33
CA PHE B 207 -13.12 -15.10 -21.00
C PHE B 207 -13.81 -15.83 -19.85
N TYR B 208 -13.21 -15.70 -18.67
CA TYR B 208 -13.72 -16.32 -17.47
C TYR B 208 -13.91 -15.25 -16.41
N PHE B 209 -15.11 -15.22 -15.83
CA PHE B 209 -15.33 -14.45 -14.62
C PHE B 209 -14.80 -15.26 -13.46
N THR B 210 -13.89 -14.66 -12.69
CA THR B 210 -13.25 -15.32 -11.56
C THR B 210 -13.37 -14.43 -10.30
N LEU B 211 -13.19 -15.05 -9.14
CA LEU B 211 -13.13 -14.35 -7.87
C LEU B 211 -11.88 -14.74 -7.09
N TYR B 212 -11.13 -13.72 -6.68
CA TYR B 212 -9.98 -13.89 -5.80
C TYR B 212 -10.29 -13.31 -4.42
N THR B 213 -9.87 -14.03 -3.39
CA THR B 213 -10.17 -13.68 -2.01
C THR B 213 -8.84 -13.67 -1.22
N LYS B 214 -8.71 -12.76 -0.27
CA LYS B 214 -7.52 -12.68 0.59
C LYS B 214 -7.17 -14.03 1.25
N LYS B 215 -5.89 -14.37 1.23
CA LYS B 215 -5.42 -15.60 1.88
C LYS B 215 -5.61 -15.49 3.38
N LEU B 216 -5.74 -16.64 4.05
CA LEU B 216 -5.72 -16.72 5.50
C LEU B 216 -4.45 -16.07 6.01
N GLU B 217 -4.58 -15.33 7.10
CA GLU B 217 -3.44 -14.68 7.71
C GLU B 217 -3.18 -15.24 9.10
N HIS B 218 -1.90 -15.40 9.42
CA HIS B 218 -1.47 -15.74 10.76
C HIS B 218 -1.83 -14.59 11.72
N HIS B 219 -2.04 -14.95 12.99
CA HIS B 219 -2.30 -13.96 14.03
C HIS B 219 -0.99 -13.60 14.71
N HIS B 220 -0.45 -12.45 14.33
CA HIS B 220 0.82 -11.99 14.86
C HIS B 220 0.62 -10.96 15.96
N HIS B 221 -0.38 -10.11 15.77
CA HIS B 221 -0.65 -9.04 16.73
C HIS B 221 -2.09 -8.54 16.59
N HIS B 222 -2.68 -8.23 17.74
CA HIS B 222 -3.96 -7.54 17.80
C HIS B 222 -3.81 -6.36 18.76
N HIS B 223 -4.16 -5.17 18.28
CA HIS B 223 -3.93 -3.96 19.06
C HIS B 223 -4.80 -3.87 20.31
N HIS B 224 -4.15 -3.90 21.47
CA HIS B 224 -4.82 -3.67 22.76
C HIS B 224 -4.43 -2.33 23.35
N HIS B 225 -5.33 -1.75 24.14
CA HIS B 225 -5.09 -0.43 24.75
C HIS B 225 -4.42 -0.54 26.12
#